data_5UT4
#
_entry.id   5UT4
#
_cell.length_a   45.346
_cell.length_b   57.155
_cell.length_c   60.758
_cell.angle_alpha   90.00
_cell.angle_beta   110.28
_cell.angle_gamma   90.00
#
_symmetry.space_group_name_H-M   'P 1 21 1'
#
loop_
_entity.id
_entity.type
_entity.pdbx_description
1 polymer 'Tyrosine-protein kinase JAK2'
2 non-polymer 8-[3,5-difluoro-4-(morpholin-4-ylmethyl)phenyl]-2-(1-piperidin-4-yl-1H-pyrazol-4-yl)quinoxaline
3 non-polymer GLYCEROL
4 non-polymer 'DIMETHYL SULFOXIDE'
5 water water
#
_entity_poly.entity_id   1
_entity_poly.type   'polypeptide(L)'
_entity_poly.pdbx_seq_one_letter_code
;VFHKIRNEDLIFNESLGQGTFTKIFKGVRREVGDYGQLHETEVLLKVLDKAHRNYSESFFEAASMMSKLSHKHLVLNYGV
CVCGDENILVQEFVKFGSLDTYLKKNKNCINILWKLEVAKQLAAAMHFLEENTLIHGNVCAKNILLIREEDRKTGNPPFI
KLSDPGISITVLPKDILQERIPWVPPECIENPKNLNLATDKWSFGTTLWEICSGGDKPLSALDSQRKLQFYEDRHQLPAP
KAAELANLINNCMDYEPDHRPSFRAIIRDLNSLFTPDLVPRGSHHHHHH
;
_entity_poly.pdbx_strand_id   A
#
# COMPACT_ATOMS: atom_id res chain seq x y z
N PHE A 2 -15.07 5.65 14.44
CA PHE A 2 -15.51 5.28 13.10
C PHE A 2 -17.00 5.56 12.91
N HIS A 3 -17.34 6.16 11.77
CA HIS A 3 -18.74 6.37 11.41
C HIS A 3 -19.38 5.03 11.05
N LYS A 4 -20.48 4.70 11.72
CA LYS A 4 -21.19 3.46 11.47
C LYS A 4 -22.18 3.67 10.33
N ILE A 5 -22.02 2.89 9.26
CA ILE A 5 -22.87 2.98 8.07
C ILE A 5 -23.84 1.82 8.09
N ARG A 6 -25.11 2.11 7.87
CA ARG A 6 -26.14 1.08 7.87
C ARG A 6 -25.97 0.15 6.68
N ASN A 7 -26.28 -1.13 6.89
CA ASN A 7 -26.23 -2.09 5.80
C ASN A 7 -27.24 -1.77 4.72
N GLU A 8 -28.35 -1.12 5.09
CA GLU A 8 -29.37 -0.77 4.10
C GLU A 8 -28.85 0.22 3.07
N ASP A 9 -27.86 1.03 3.44
CA ASP A 9 -27.34 2.06 2.56
C ASP A 9 -26.19 1.58 1.68
N LEU A 10 -25.80 0.31 1.78
CA LEU A 10 -24.67 -0.23 1.04
C LEU A 10 -25.13 -1.32 0.08
N ILE A 11 -24.65 -1.28 -1.15
CA ILE A 11 -24.97 -2.26 -2.18
C ILE A 11 -23.67 -2.85 -2.68
N PHE A 12 -23.50 -4.16 -2.50
CA PHE A 12 -22.31 -4.86 -2.96
C PHE A 12 -22.40 -5.15 -4.44
N ASN A 13 -21.35 -4.81 -5.19
CA ASN A 13 -21.27 -5.17 -6.59
C ASN A 13 -20.05 -6.04 -6.86
N GLU A 14 -19.31 -5.79 -7.95
CA GLU A 14 -18.37 -6.80 -8.45
C GLU A 14 -17.18 -6.97 -7.52
N SER A 15 -16.74 -8.22 -7.40
CA SER A 15 -15.52 -8.54 -6.67
C SER A 15 -14.32 -8.00 -7.42
N LEU A 16 -13.42 -7.33 -6.69
CA LEU A 16 -12.20 -6.79 -7.27
C LEU A 16 -10.97 -7.62 -6.93
N GLY A 17 -11.05 -8.48 -5.92
CA GLY A 17 -9.90 -9.30 -5.57
C GLY A 17 -9.96 -9.69 -4.11
N GLN A 18 -8.80 -10.05 -3.58
CA GLN A 18 -8.67 -10.55 -2.23
C GLN A 18 -7.44 -9.94 -1.56
N GLY A 19 -7.56 -9.66 -0.28
CA GLY A 19 -6.41 -9.37 0.57
C GLY A 19 -6.13 -10.54 1.49
N THR A 20 -5.29 -10.27 2.50
CA THR A 20 -4.99 -11.28 3.50
C THR A 20 -6.19 -11.42 4.44
N PHE A 21 -6.87 -12.55 4.35
CA PHE A 21 -8.07 -12.86 5.13
C PHE A 21 -9.25 -11.96 4.79
N THR A 22 -9.24 -11.32 3.62
CA THR A 22 -10.30 -10.39 3.23
C THR A 22 -10.70 -10.62 1.78
N LYS A 23 -11.94 -10.23 1.47
CA LYS A 23 -12.45 -10.14 0.12
C LYS A 23 -12.83 -8.68 -0.15
N ILE A 24 -12.57 -8.21 -1.37
CA ILE A 24 -12.69 -6.81 -1.70
C ILE A 24 -13.68 -6.67 -2.86
N PHE A 25 -14.60 -5.71 -2.75
CA PHE A 25 -15.68 -5.52 -3.69
C PHE A 25 -15.84 -4.04 -4.03
N LYS A 26 -16.33 -3.78 -5.23
CA LYS A 26 -16.87 -2.46 -5.53
C LYS A 26 -18.31 -2.41 -5.03
N GLY A 27 -18.74 -1.22 -4.57
CA GLY A 27 -20.06 -1.08 -4.01
C GLY A 27 -20.58 0.33 -4.23
N VAL A 28 -21.81 0.56 -3.78
CA VAL A 28 -22.44 1.86 -3.88
C VAL A 28 -23.06 2.18 -2.52
N ARG A 29 -22.86 3.43 -2.07
CA ARG A 29 -23.39 3.93 -0.83
C ARG A 29 -24.35 5.08 -1.13
N ARG A 30 -25.61 4.92 -0.75
CA ARG A 30 -26.58 5.99 -0.86
C ARG A 30 -26.44 6.88 0.37
N GLU A 31 -26.25 8.18 0.15
CA GLU A 31 -25.96 9.07 1.26
C GLU A 31 -26.48 10.47 0.99
N VAL A 32 -26.69 11.20 2.08
CA VAL A 32 -26.96 12.64 2.03
C VAL A 32 -25.62 13.35 1.97
N GLY A 33 -25.40 14.13 0.91
CA GLY A 33 -24.16 14.84 0.71
C GLY A 33 -24.28 16.31 1.06
N ASP A 34 -23.33 17.09 0.54
CA ASP A 34 -23.35 18.53 0.75
C ASP A 34 -24.68 19.14 0.30
N TYR A 35 -25.10 20.18 0.99
CA TYR A 35 -26.33 20.92 0.71
C TYR A 35 -27.57 20.03 0.77
N GLY A 36 -27.45 18.83 1.34
CA GLY A 36 -28.58 17.92 1.41
C GLY A 36 -28.87 17.14 0.14
N GLN A 37 -27.99 17.23 -0.87
CA GLN A 37 -28.21 16.51 -2.11
C GLN A 37 -28.00 15.02 -1.89
N LEU A 38 -28.94 14.21 -2.41
CA LEU A 38 -28.79 12.76 -2.36
C LEU A 38 -27.80 12.30 -3.42
N HIS A 39 -26.92 11.37 -3.03
CA HIS A 39 -25.92 10.81 -3.93
C HIS A 39 -25.88 9.30 -3.78
N GLU A 40 -25.58 8.64 -4.89
CA GLU A 40 -25.17 7.24 -4.87
C GLU A 40 -23.69 7.23 -5.23
N THR A 41 -22.85 7.04 -4.20
CA THR A 41 -21.41 7.19 -4.30
C THR A 41 -20.74 5.84 -4.46
N GLU A 42 -19.79 5.75 -5.39
CA GLU A 42 -18.98 4.55 -5.51
C GLU A 42 -18.09 4.39 -4.29
N VAL A 43 -17.98 3.15 -3.79
CA VAL A 43 -17.18 2.87 -2.60
C VAL A 43 -16.44 1.56 -2.78
N LEU A 44 -15.36 1.43 -2.02
CA LEU A 44 -14.58 0.21 -1.90
C LEU A 44 -14.98 -0.48 -0.60
N LEU A 45 -15.39 -1.74 -0.71
CA LEU A 45 -15.87 -2.50 0.43
C LEU A 45 -14.89 -3.63 0.73
N LYS A 46 -14.28 -3.60 1.91
CA LYS A 46 -13.37 -4.66 2.33
C LYS A 46 -14.04 -5.49 3.42
N VAL A 47 -14.10 -6.80 3.22
CA VAL A 47 -14.85 -7.69 4.10
C VAL A 47 -13.89 -8.70 4.69
N LEU A 48 -13.83 -8.76 6.02
CA LEU A 48 -13.02 -9.78 6.69
C LEU A 48 -13.69 -11.14 6.56
N ASP A 49 -12.93 -12.16 6.17
CA ASP A 49 -13.47 -13.51 6.10
C ASP A 49 -14.03 -13.92 7.44
N LYS A 50 -15.23 -14.51 7.42
CA LYS A 50 -15.86 -14.95 8.66
C LYS A 50 -14.96 -15.90 9.43
N ALA A 51 -14.29 -16.82 8.72
CA ALA A 51 -13.43 -17.80 9.37
C ALA A 51 -12.27 -17.16 10.12
N HIS A 52 -11.96 -15.89 9.84
CA HIS A 52 -10.90 -15.17 10.54
C HIS A 52 -11.46 -14.00 11.32
N ARG A 53 -12.70 -14.13 11.81
CA ARG A 53 -13.31 -13.07 12.60
C ARG A 53 -12.46 -12.66 13.79
N ASN A 54 -11.61 -13.57 14.27
CA ASN A 54 -10.74 -13.28 15.42
C ASN A 54 -9.78 -12.13 15.14
N TYR A 55 -9.45 -11.86 13.88
CA TYR A 55 -8.58 -10.74 13.55
C TYR A 55 -9.31 -9.40 13.51
N SER A 56 -10.62 -9.40 13.80
CA SER A 56 -11.45 -8.21 13.59
C SER A 56 -10.79 -6.94 14.14
N GLU A 57 -10.40 -6.98 15.42
CA GLU A 57 -9.74 -5.82 16.04
C GLU A 57 -8.61 -5.30 15.17
N SER A 58 -7.60 -6.15 14.90
CA SER A 58 -6.49 -5.72 14.06
C SER A 58 -6.99 -5.21 12.71
N PHE A 59 -7.95 -5.91 12.13
CA PHE A 59 -8.55 -5.51 10.85
C PHE A 59 -9.01 -4.06 10.92
N PHE A 60 -9.70 -3.67 11.98
CA PHE A 60 -10.15 -2.30 12.08
C PHE A 60 -9.03 -1.37 12.52
N GLU A 61 -8.10 -1.87 13.35
CA GLU A 61 -6.98 -1.04 13.80
C GLU A 61 -6.24 -0.44 12.63
N ALA A 62 -5.88 -1.27 11.65
CA ALA A 62 -5.24 -0.79 10.43
C ALA A 62 -5.99 0.42 9.87
N ALA A 63 -7.30 0.26 9.64
CA ALA A 63 -8.08 1.35 9.08
C ALA A 63 -8.02 2.58 9.98
N SER A 64 -8.13 2.37 11.29
CA SER A 64 -8.04 3.47 12.23
C SER A 64 -6.78 4.30 11.98
N MET A 65 -5.65 3.63 11.71
CA MET A 65 -4.40 4.35 11.50
C MET A 65 -4.54 5.37 10.38
N MET A 66 -5.23 5.02 9.30
CA MET A 66 -5.34 5.93 8.17
C MET A 66 -6.28 7.09 8.46
N SER A 67 -7.22 6.93 9.40
CA SER A 67 -8.19 7.96 9.67
C SER A 67 -7.79 8.90 10.80
N LYS A 68 -6.71 8.58 11.54
CA LYS A 68 -6.22 9.50 12.55
C LYS A 68 -5.76 10.81 11.93
N LEU A 69 -5.17 10.75 10.73
CA LEU A 69 -4.65 11.91 10.04
C LEU A 69 -5.37 12.09 8.71
N SER A 70 -5.23 13.29 8.15
CA SER A 70 -5.81 13.64 6.85
C SER A 70 -4.68 14.12 5.95
N HIS A 71 -4.62 13.58 4.72
CA HIS A 71 -3.56 13.94 3.80
C HIS A 71 -4.00 13.61 2.39
N LYS A 72 -3.51 14.40 1.43
CA LYS A 72 -3.93 14.25 0.04
C LYS A 72 -3.51 12.92 -0.57
N HIS A 73 -2.50 12.24 0.01
CA HIS A 73 -2.02 10.98 -0.53
C HIS A 73 -2.46 9.76 0.28
N LEU A 74 -3.41 9.91 1.19
CA LEU A 74 -3.94 8.79 1.95
C LEU A 74 -5.38 8.54 1.53
N VAL A 75 -5.73 7.28 1.25
CA VAL A 75 -7.08 6.95 0.85
C VAL A 75 -8.06 7.26 1.99
N LEU A 76 -9.23 7.77 1.64
CA LEU A 76 -10.24 8.13 2.63
C LEU A 76 -10.99 6.89 3.12
N ASN A 77 -11.25 6.86 4.43
CA ASN A 77 -12.14 5.88 5.03
C ASN A 77 -13.49 6.54 5.25
N TYR A 78 -14.54 5.94 4.69
CA TYR A 78 -15.89 6.46 4.88
C TYR A 78 -16.53 5.96 6.16
N GLY A 79 -16.16 4.76 6.61
CA GLY A 79 -16.71 4.25 7.85
C GLY A 79 -16.62 2.73 7.88
N VAL A 80 -17.43 2.14 8.76
CA VAL A 80 -17.50 0.70 8.90
C VAL A 80 -18.95 0.27 8.93
N CYS A 81 -19.21 -0.93 8.41
CA CYS A 81 -20.48 -1.62 8.62
C CYS A 81 -20.17 -2.88 9.42
N VAL A 82 -20.57 -2.89 10.68
CA VAL A 82 -20.43 -4.05 11.55
C VAL A 82 -21.79 -4.68 11.83
N CYS A 83 -22.76 -4.44 10.95
CA CYS A 83 -24.06 -5.07 11.07
C CYS A 83 -23.93 -6.58 10.93
N GLY A 84 -24.56 -7.31 11.86
CA GLY A 84 -24.54 -8.75 11.79
C GLY A 84 -23.18 -9.33 12.16
N ASP A 85 -22.88 -10.48 11.56
CA ASP A 85 -21.62 -11.18 11.81
C ASP A 85 -20.50 -10.76 10.87
N GLU A 86 -20.75 -9.82 9.97
CA GLU A 86 -19.73 -9.36 9.03
C GLU A 86 -19.02 -8.13 9.58
N ASN A 87 -17.76 -7.99 9.19
CA ASN A 87 -16.96 -6.81 9.49
C ASN A 87 -16.57 -6.18 8.16
N ILE A 88 -17.03 -4.96 7.91
CA ILE A 88 -16.87 -4.32 6.62
C ILE A 88 -16.24 -2.96 6.79
N LEU A 89 -15.17 -2.71 6.03
CA LEU A 89 -14.53 -1.41 5.87
C LEU A 89 -15.10 -0.74 4.63
N VAL A 90 -15.51 0.52 4.78
CA VAL A 90 -16.09 1.30 3.68
C VAL A 90 -15.15 2.46 3.39
N GLN A 91 -14.55 2.44 2.19
CA GLN A 91 -13.49 3.36 1.84
C GLN A 91 -13.75 3.99 0.48
N GLU A 92 -12.96 5.03 0.18
CA GLU A 92 -13.01 5.70 -1.11
C GLU A 92 -12.65 4.77 -2.25
N PHE A 93 -13.39 4.86 -3.35
CA PHE A 93 -13.11 4.06 -4.54
C PHE A 93 -12.22 4.86 -5.48
N VAL A 94 -10.97 4.41 -5.64
CA VAL A 94 -9.99 5.08 -6.48
C VAL A 94 -10.11 4.51 -7.89
N LYS A 95 -10.39 5.40 -8.85
CA LYS A 95 -10.89 4.98 -10.17
C LYS A 95 -10.03 3.91 -10.82
N PHE A 96 -8.72 4.14 -10.91
CA PHE A 96 -7.86 3.29 -11.74
C PHE A 96 -7.21 2.14 -10.97
N GLY A 97 -7.51 2.00 -9.68
CA GLY A 97 -7.07 0.80 -8.99
C GLY A 97 -5.58 0.74 -8.64
N SER A 98 -5.16 -0.48 -8.31
CA SER A 98 -3.84 -0.71 -7.76
C SER A 98 -2.76 -0.39 -8.79
N LEU A 99 -1.60 0.07 -8.28
CA LEU A 99 -0.53 0.50 -9.17
C LEU A 99 0.15 -0.69 -9.84
N ASP A 100 0.25 -1.84 -9.17
CA ASP A 100 0.97 -2.95 -9.78
C ASP A 100 0.22 -3.49 -11.00
N THR A 101 -1.09 -3.63 -10.89
CA THR A 101 -1.89 -4.00 -12.06
C THR A 101 -1.74 -2.97 -13.17
N TYR A 102 -1.85 -1.68 -12.82
CA TYR A 102 -1.75 -0.61 -13.80
C TYR A 102 -0.41 -0.65 -14.52
N LEU A 103 0.68 -0.89 -13.78
CA LEU A 103 1.99 -0.98 -14.38
C LEU A 103 2.09 -2.19 -15.30
N LYS A 104 1.56 -3.34 -14.87
CA LYS A 104 1.61 -4.52 -15.72
C LYS A 104 0.85 -4.30 -17.03
N LYS A 105 -0.28 -3.60 -16.97
CA LYS A 105 -1.08 -3.41 -18.17
C LYS A 105 -0.55 -2.29 -19.06
N ASN A 106 0.09 -1.26 -18.48
CA ASN A 106 0.52 -0.09 -19.22
C ASN A 106 2.04 0.04 -19.31
N LYS A 107 2.78 -1.06 -19.09
CA LYS A 107 4.23 -0.95 -18.97
C LYS A 107 4.86 -0.35 -20.22
N ASN A 108 4.33 -0.69 -21.40
CA ASN A 108 4.92 -0.27 -22.65
C ASN A 108 4.79 1.23 -22.92
N CYS A 109 4.28 2.05 -21.99
CA CYS A 109 4.16 3.49 -22.23
C CYS A 109 4.29 4.25 -20.92
N ILE A 110 5.17 3.80 -20.04
CA ILE A 110 5.49 4.49 -18.79
C ILE A 110 6.98 4.74 -18.78
N ASN A 111 7.38 6.01 -18.71
CA ASN A 111 8.80 6.37 -18.77
C ASN A 111 9.30 6.79 -17.38
N ILE A 112 10.51 7.35 -17.36
CA ILE A 112 11.18 7.64 -16.10
C ILE A 112 10.51 8.80 -15.37
N LEU A 113 9.98 9.77 -16.12
CA LEU A 113 9.35 10.92 -15.48
C LEU A 113 8.09 10.51 -14.72
N TRP A 114 7.26 9.65 -15.32
CA TRP A 114 6.08 9.12 -14.65
C TRP A 114 6.46 8.40 -13.36
N LYS A 115 7.41 7.46 -13.45
CA LYS A 115 7.88 6.74 -12.27
C LYS A 115 8.42 7.69 -11.22
N LEU A 116 9.12 8.75 -11.65
CA LEU A 116 9.73 9.67 -10.69
C LEU A 116 8.66 10.48 -9.97
N GLU A 117 7.60 10.89 -10.68
CA GLU A 117 6.50 11.60 -10.03
C GLU A 117 5.79 10.71 -9.03
N VAL A 118 5.47 9.48 -9.43
CA VAL A 118 4.80 8.55 -8.50
C VAL A 118 5.69 8.29 -7.29
N ALA A 119 6.99 8.13 -7.52
CA ALA A 119 7.91 7.90 -6.42
C ALA A 119 7.95 9.09 -5.48
N LYS A 120 7.96 10.30 -6.03
CA LYS A 120 7.98 11.50 -5.19
C LYS A 120 6.71 11.61 -4.36
N GLN A 121 5.55 11.31 -4.96
CA GLN A 121 4.29 11.37 -4.22
C GLN A 121 4.29 10.35 -3.08
N LEU A 122 4.67 9.10 -3.36
CA LEU A 122 4.74 8.10 -2.31
C LEU A 122 5.70 8.52 -1.20
N ALA A 123 6.88 9.01 -1.58
CA ALA A 123 7.84 9.47 -0.59
C ALA A 123 7.26 10.59 0.26
N ALA A 124 6.47 11.48 -0.34
CA ALA A 124 5.87 12.57 0.42
C ALA A 124 4.84 12.05 1.42
N ALA A 125 4.05 11.07 1.01
CA ALA A 125 3.11 10.43 1.93
C ALA A 125 3.85 9.80 3.11
N MET A 126 4.94 9.08 2.81
CA MET A 126 5.72 8.44 3.88
C MET A 126 6.42 9.46 4.76
N HIS A 127 6.82 10.60 4.19
CA HIS A 127 7.41 11.66 5.01
C HIS A 127 6.37 12.23 5.98
N PHE A 128 5.15 12.43 5.49
CA PHE A 128 4.03 12.80 6.36
C PHE A 128 3.87 11.80 7.49
N LEU A 129 3.83 10.49 7.17
CA LEU A 129 3.70 9.48 8.21
C LEU A 129 4.87 9.52 9.18
N GLU A 130 6.10 9.63 8.67
CA GLU A 130 7.28 9.62 9.53
C GLU A 130 7.29 10.79 10.50
N GLU A 131 6.98 11.99 10.00
CA GLU A 131 6.91 13.17 10.87
C GLU A 131 5.83 13.02 11.94
N ASN A 132 4.80 12.22 11.69
CA ASN A 132 3.78 11.92 12.68
C ASN A 132 4.07 10.64 13.45
N THR A 133 5.25 10.04 13.23
CA THR A 133 5.65 8.80 13.91
C THR A 133 4.57 7.73 13.81
N LEU A 134 4.00 7.58 12.63
CA LEU A 134 2.95 6.59 12.38
C LEU A 134 3.50 5.51 11.46
N ILE A 135 3.48 4.27 11.94
CA ILE A 135 3.95 3.13 11.16
C ILE A 135 2.84 2.68 10.22
N HIS A 136 3.16 2.53 8.94
CA HIS A 136 2.18 1.96 8.02
C HIS A 136 2.22 0.43 8.09
N GLY A 137 3.35 -0.17 7.74
CA GLY A 137 3.57 -1.58 7.93
C GLY A 137 3.33 -2.45 6.71
N ASN A 138 2.81 -1.89 5.62
CA ASN A 138 2.59 -2.70 4.43
C ASN A 138 2.63 -1.84 3.18
N VAL A 139 3.74 -1.14 2.96
CA VAL A 139 3.95 -0.38 1.73
C VAL A 139 4.28 -1.37 0.62
N CYS A 140 3.48 -1.33 -0.46
CA CYS A 140 3.70 -2.16 -1.63
C CYS A 140 2.88 -1.58 -2.77
N ALA A 141 3.24 -1.94 -3.99
CA ALA A 141 2.58 -1.36 -5.16
C ALA A 141 1.09 -1.65 -5.18
N LYS A 142 0.68 -2.82 -4.67
CA LYS A 142 -0.74 -3.14 -4.63
C LYS A 142 -1.52 -2.19 -3.74
N ASN A 143 -0.85 -1.59 -2.75
CA ASN A 143 -1.49 -0.64 -1.83
C ASN A 143 -1.32 0.80 -2.28
N ILE A 144 -0.82 1.03 -3.49
CA ILE A 144 -0.82 2.35 -4.10
C ILE A 144 -1.90 2.36 -5.18
N LEU A 145 -2.72 3.41 -5.18
CA LEU A 145 -3.87 3.50 -6.05
C LEU A 145 -3.77 4.75 -6.91
N LEU A 146 -4.18 4.64 -8.16
CA LEU A 146 -4.02 5.70 -9.14
C LEU A 146 -5.33 6.47 -9.26
N ILE A 147 -5.36 7.67 -8.67
CA ILE A 147 -6.52 8.56 -8.73
C ILE A 147 -6.73 9.06 -10.16
N ARG A 148 -5.66 9.48 -10.83
CA ARG A 148 -5.80 9.97 -12.20
C ARG A 148 -4.52 9.70 -12.97
N GLU A 149 -4.66 9.54 -14.28
CA GLU A 149 -3.54 9.20 -15.14
C GLU A 149 -2.79 10.44 -15.60
N GLU A 150 -1.55 10.23 -16.02
CA GLU A 150 -0.79 11.29 -16.66
C GLU A 150 -1.46 11.70 -17.98
N ASP A 151 -1.55 13.00 -18.21
CA ASP A 151 -2.09 13.56 -19.45
C ASP A 151 -1.05 14.51 -20.00
N ARG A 152 -0.23 14.02 -20.94
CA ARG A 152 0.81 14.87 -21.53
C ARG A 152 0.23 16.03 -22.34
N LYS A 153 -1.04 15.94 -22.74
CA LYS A 153 -1.65 17.04 -23.47
C LYS A 153 -1.81 18.28 -22.61
N THR A 154 -2.07 18.10 -21.30
CA THR A 154 -2.24 19.22 -20.38
C THR A 154 -1.15 19.25 -19.31
N GLY A 155 -0.09 18.46 -19.46
CA GLY A 155 1.00 18.44 -18.51
C GLY A 155 0.68 17.84 -17.15
N ASN A 156 -0.53 17.35 -16.94
CA ASN A 156 -0.92 16.85 -15.62
C ASN A 156 -0.11 15.60 -15.27
N PRO A 157 0.53 15.57 -14.11
CA PRO A 157 1.20 14.34 -13.66
C PRO A 157 0.18 13.34 -13.16
N PRO A 158 0.56 12.06 -13.03
CA PRO A 158 -0.30 11.12 -12.33
C PRO A 158 -0.44 11.51 -10.87
N PHE A 159 -1.51 11.01 -10.24
CA PHE A 159 -1.73 11.25 -8.83
C PHE A 159 -2.08 9.94 -8.15
N ILE A 160 -1.42 9.63 -7.05
CA ILE A 160 -1.60 8.36 -6.36
C ILE A 160 -2.00 8.62 -4.91
N LYS A 161 -2.58 7.58 -4.30
CA LYS A 161 -2.89 7.56 -2.87
C LYS A 161 -2.41 6.24 -2.30
N LEU A 162 -1.99 6.28 -1.03
CA LEU A 162 -1.59 5.08 -0.31
C LEU A 162 -2.78 4.52 0.44
N SER A 163 -2.99 3.20 0.33
CA SER A 163 -4.12 2.57 0.98
C SER A 163 -3.74 2.07 2.38
N ASP A 164 -4.73 1.57 3.12
CA ASP A 164 -4.48 1.08 4.46
C ASP A 164 -3.69 -0.22 4.42
N PRO A 165 -2.95 -0.54 5.49
CA PRO A 165 -2.03 -1.69 5.43
C PRO A 165 -2.67 -3.05 5.66
N GLY A 166 -3.95 -3.10 6.02
CA GLY A 166 -4.54 -4.38 6.37
C GLY A 166 -4.02 -4.90 7.70
N ILE A 167 -4.44 -6.15 8.01
CA ILE A 167 -4.07 -6.76 9.28
C ILE A 167 -2.56 -6.70 9.47
N SER A 168 -2.14 -6.31 10.67
CA SER A 168 -0.74 -6.01 10.93
C SER A 168 0.12 -7.27 10.87
N ILE A 169 1.36 -7.11 10.39
CA ILE A 169 2.31 -8.21 10.38
C ILE A 169 2.68 -8.64 11.79
N THR A 170 2.39 -7.80 12.79
CA THR A 170 2.67 -8.18 14.17
C THR A 170 1.79 -9.31 14.65
N VAL A 171 0.64 -9.56 14.01
CA VAL A 171 -0.27 -10.61 14.43
C VAL A 171 -0.49 -11.65 13.33
N LEU A 172 0.19 -11.53 12.20
CA LEU A 172 -0.07 -12.49 11.14
C LEU A 172 0.74 -13.76 11.33
N PRO A 173 0.26 -14.89 10.81
CA PRO A 173 1.01 -16.14 10.95
C PRO A 173 2.34 -16.06 10.22
N LYS A 174 3.31 -16.85 10.70
CA LYS A 174 4.68 -16.75 10.21
C LYS A 174 4.78 -17.02 8.71
N ASP A 175 3.98 -17.97 8.20
CA ASP A 175 4.09 -18.34 6.79
C ASP A 175 3.62 -17.21 5.88
N ILE A 176 2.61 -16.44 6.31
CA ILE A 176 2.22 -15.26 5.55
C ILE A 176 3.33 -14.23 5.54
N LEU A 177 3.96 -14.01 6.69
CA LEU A 177 5.11 -13.10 6.77
C LEU A 177 6.21 -13.53 5.80
N GLN A 178 6.54 -14.83 5.80
CA GLN A 178 7.61 -15.30 4.93
C GLN A 178 7.23 -15.17 3.46
N GLU A 179 5.95 -15.41 3.13
CA GLU A 179 5.50 -15.22 1.76
C GLU A 179 5.63 -13.77 1.32
N ARG A 180 5.62 -12.82 2.27
CA ARG A 180 5.70 -11.40 1.95
C ARG A 180 7.13 -10.88 1.87
N ILE A 181 8.13 -11.73 2.03
CA ILE A 181 9.48 -11.34 1.64
C ILE A 181 9.47 -11.02 0.14
N PRO A 182 10.13 -9.95 -0.32
CA PRO A 182 10.96 -9.00 0.43
C PRO A 182 10.32 -7.65 0.76
N TRP A 183 8.99 -7.60 0.95
CA TRP A 183 8.39 -6.37 1.48
C TRP A 183 8.56 -6.31 2.99
N VAL A 184 8.37 -7.43 3.67
CA VAL A 184 8.60 -7.52 5.11
C VAL A 184 10.11 -7.52 5.34
N PRO A 185 10.63 -6.59 6.12
CA PRO A 185 12.09 -6.45 6.25
C PRO A 185 12.68 -7.57 7.09
N PRO A 186 13.99 -7.80 6.99
CA PRO A 186 14.60 -8.93 7.71
C PRO A 186 14.33 -8.95 9.21
N GLU A 187 14.41 -7.80 9.87
CA GLU A 187 14.27 -7.78 11.32
C GLU A 187 12.85 -8.12 11.76
N CYS A 188 11.85 -7.93 10.88
CA CYS A 188 10.50 -8.35 11.22
C CYS A 188 10.31 -9.85 10.99
N ILE A 189 11.05 -10.42 10.05
CA ILE A 189 11.07 -11.88 9.92
C ILE A 189 11.74 -12.50 11.14
N GLU A 190 12.80 -11.86 11.65
CA GLU A 190 13.43 -12.36 12.86
C GLU A 190 12.51 -12.20 14.07
N ASN A 191 11.80 -11.08 14.15
CA ASN A 191 10.86 -10.82 15.23
C ASN A 191 9.80 -9.85 14.74
N PRO A 192 8.54 -10.28 14.64
CA PRO A 192 7.50 -9.36 14.12
C PRO A 192 7.25 -8.16 15.02
N LYS A 193 7.54 -8.27 16.32
CA LYS A 193 7.44 -7.12 17.21
C LYS A 193 8.51 -6.07 16.94
N ASN A 194 9.43 -6.32 16.01
CA ASN A 194 10.40 -5.33 15.58
C ASN A 194 9.81 -4.32 14.61
N LEU A 195 8.50 -4.35 14.40
CA LEU A 195 7.86 -3.38 13.51
C LEU A 195 8.16 -1.96 14.00
N ASN A 196 8.61 -1.12 13.07
CA ASN A 196 9.26 0.13 13.43
C ASN A 196 9.09 1.11 12.28
N LEU A 197 9.54 2.34 12.48
CA LEU A 197 9.52 3.31 11.39
C LEU A 197 10.45 2.88 10.25
N ALA A 198 11.59 2.27 10.57
CA ALA A 198 12.54 1.83 9.55
C ALA A 198 11.94 0.77 8.62
N THR A 199 10.99 -0.02 9.15
CA THR A 199 10.26 -0.99 8.34
C THR A 199 9.78 -0.36 7.04
N ASP A 200 9.10 0.79 7.15
CA ASP A 200 8.50 1.40 5.98
C ASP A 200 9.55 1.90 5.00
N LYS A 201 10.75 2.22 5.48
CA LYS A 201 11.81 2.59 4.56
C LYS A 201 12.24 1.39 3.72
N TRP A 202 12.43 0.24 4.37
CA TRP A 202 12.72 -0.98 3.61
C TRP A 202 11.63 -1.26 2.58
N SER A 203 10.38 -1.34 3.04
CA SER A 203 9.28 -1.68 2.14
C SER A 203 9.13 -0.65 1.03
N PHE A 204 9.42 0.62 1.32
CA PHE A 204 9.45 1.63 0.27
C PHE A 204 10.48 1.28 -0.80
N GLY A 205 11.65 0.80 -0.39
CA GLY A 205 12.61 0.35 -1.38
C GLY A 205 12.05 -0.76 -2.27
N THR A 206 11.42 -1.76 -1.64
CA THR A 206 10.82 -2.85 -2.43
C THR A 206 9.76 -2.31 -3.39
N THR A 207 8.98 -1.33 -2.95
CA THR A 207 7.93 -0.78 -3.79
C THR A 207 8.51 -0.03 -4.98
N LEU A 208 9.60 0.70 -4.75
CA LEU A 208 10.30 1.31 -5.87
C LEU A 208 10.76 0.27 -6.88
N TRP A 209 11.28 -0.86 -6.39
CA TRP A 209 11.64 -1.95 -7.30
C TRP A 209 10.44 -2.38 -8.14
N GLU A 210 9.27 -2.51 -7.50
CA GLU A 210 8.06 -2.85 -8.25
C GLU A 210 7.76 -1.81 -9.32
N ILE A 211 7.74 -0.53 -8.93
CA ILE A 211 7.42 0.55 -9.85
C ILE A 211 8.36 0.54 -11.05
N CYS A 212 9.64 0.24 -10.82
CA CYS A 212 10.62 0.19 -11.90
C CYS A 212 10.58 -1.09 -12.71
N SER A 213 9.92 -2.14 -12.21
CA SER A 213 9.96 -3.45 -12.87
C SER A 213 8.66 -3.80 -13.59
N GLY A 214 7.89 -2.79 -14.00
CA GLY A 214 6.69 -3.02 -14.77
C GLY A 214 5.63 -3.87 -14.09
N GLY A 215 5.62 -3.90 -12.77
CA GLY A 215 4.65 -4.70 -12.04
C GLY A 215 5.09 -6.11 -11.73
N ASP A 216 6.32 -6.50 -12.09
CA ASP A 216 6.85 -7.78 -11.65
C ASP A 216 6.98 -7.80 -10.12
N LYS A 217 6.95 -9.00 -9.56
CA LYS A 217 7.05 -9.16 -8.12
C LYS A 217 8.43 -9.67 -7.77
N PRO A 218 9.21 -8.95 -6.97
CA PRO A 218 10.56 -9.40 -6.65
C PRO A 218 10.55 -10.74 -5.94
N LEU A 219 11.46 -11.62 -6.36
CA LEU A 219 11.67 -12.94 -5.78
C LEU A 219 10.45 -13.85 -5.91
N SER A 220 9.57 -13.58 -6.86
CA SER A 220 8.37 -14.40 -7.02
C SER A 220 8.72 -15.85 -7.36
N ALA A 221 9.87 -16.08 -7.98
CA ALA A 221 10.26 -17.45 -8.31
C ALA A 221 10.79 -18.22 -7.11
N LEU A 222 11.00 -17.57 -5.97
CA LEU A 222 11.48 -18.22 -4.77
C LEU A 222 10.31 -18.62 -3.88
N ASP A 223 10.29 -19.89 -3.44
CA ASP A 223 9.32 -20.28 -2.44
C ASP A 223 9.73 -19.73 -1.07
N SER A 224 8.93 -20.03 -0.05
CA SER A 224 9.14 -19.41 1.26
C SER A 224 10.51 -19.74 1.84
N GLN A 225 10.93 -21.00 1.74
CA GLN A 225 12.22 -21.40 2.28
C GLN A 225 13.36 -20.64 1.59
N ARG A 226 13.28 -20.48 0.26
CA ARG A 226 14.31 -19.76 -0.46
C ARG A 226 14.25 -18.25 -0.22
N LYS A 227 13.08 -17.72 0.17
CA LYS A 227 13.02 -16.31 0.56
C LYS A 227 13.70 -16.09 1.90
N LEU A 228 13.42 -16.97 2.87
CA LEU A 228 14.18 -17.00 4.11
C LEU A 228 15.68 -17.03 3.82
N GLN A 229 16.10 -18.00 3.00
CA GLN A 229 17.53 -18.12 2.68
C GLN A 229 18.05 -16.85 2.02
N PHE A 230 17.22 -16.19 1.20
CA PHE A 230 17.61 -14.93 0.60
C PHE A 230 17.98 -13.91 1.67
N TYR A 231 17.17 -13.81 2.73
CA TYR A 231 17.56 -12.91 3.81
C TYR A 231 18.75 -13.44 4.59
N GLU A 232 18.90 -14.76 4.69
CA GLU A 232 19.99 -15.34 5.48
C GLU A 232 21.34 -15.08 4.84
N ASP A 233 21.41 -15.04 3.51
CA ASP A 233 22.65 -14.75 2.79
C ASP A 233 22.82 -13.26 2.51
N ARG A 234 21.92 -12.41 3.01
CA ARG A 234 22.05 -10.96 2.93
C ARG A 234 22.14 -10.48 1.48
N HIS A 235 21.31 -11.07 0.61
CA HIS A 235 21.29 -10.66 -0.77
C HIS A 235 20.46 -9.39 -0.95
N GLN A 236 20.73 -8.67 -2.03
CA GLN A 236 19.94 -7.53 -2.44
C GLN A 236 19.18 -7.86 -3.72
N LEU A 237 18.11 -7.11 -3.97
CA LEU A 237 17.36 -7.32 -5.20
C LEU A 237 18.22 -6.91 -6.39
N PRO A 238 18.06 -7.59 -7.54
CA PRO A 238 18.80 -7.17 -8.73
C PRO A 238 18.28 -5.80 -9.18
N ALA A 239 19.16 -5.03 -9.81
CA ALA A 239 18.72 -3.75 -10.35
C ALA A 239 17.72 -4.00 -11.48
N PRO A 240 16.64 -3.23 -11.53
CA PRO A 240 15.73 -3.33 -12.68
C PRO A 240 16.45 -2.92 -13.96
N LYS A 241 15.99 -3.47 -15.09
CA LYS A 241 16.55 -3.08 -16.38
C LYS A 241 16.48 -1.57 -16.58
N ALA A 242 15.42 -0.93 -16.07
CA ALA A 242 15.39 0.52 -15.93
C ALA A 242 15.98 0.82 -14.55
N ALA A 243 17.29 1.08 -14.54
CA ALA A 243 18.08 1.06 -13.31
C ALA A 243 18.21 2.42 -12.63
N GLU A 244 17.49 3.45 -13.09
CA GLU A 244 17.72 4.81 -12.62
C GLU A 244 17.55 4.94 -11.10
N LEU A 245 16.74 4.08 -10.50
CA LEU A 245 16.49 4.14 -9.05
C LEU A 245 17.16 3.01 -8.29
N ALA A 246 18.04 2.25 -8.93
CA ALA A 246 18.61 1.06 -8.28
C ALA A 246 19.38 1.43 -7.02
N ASN A 247 20.19 2.49 -7.07
CA ASN A 247 20.94 2.89 -5.90
C ASN A 247 20.03 3.29 -4.75
N LEU A 248 18.96 4.02 -5.04
CA LEU A 248 18.01 4.41 -4.01
C LEU A 248 17.33 3.18 -3.40
N ILE A 249 16.94 2.24 -4.25
CA ILE A 249 16.34 0.99 -3.79
C ILE A 249 17.27 0.26 -2.83
N ASN A 250 18.54 0.15 -3.22
CA ASN A 250 19.49 -0.57 -2.36
C ASN A 250 19.79 0.21 -1.08
N ASN A 251 19.79 1.54 -1.14
CA ASN A 251 20.03 2.33 0.06
C ASN A 251 18.88 2.19 1.05
N CYS A 252 17.65 2.07 0.55
CA CYS A 252 16.50 1.90 1.43
C CYS A 252 16.43 0.48 1.99
N MET A 253 16.81 -0.51 1.19
CA MET A 253 16.76 -1.92 1.63
C MET A 253 18.05 -2.29 2.35
N ASP A 254 18.36 -1.51 3.37
CA ASP A 254 19.56 -1.72 4.16
C ASP A 254 19.25 -2.73 5.25
N TYR A 255 20.09 -3.76 5.36
CA TYR A 255 19.87 -4.76 6.39
C TYR A 255 20.01 -4.20 7.79
N GLU A 256 20.65 -3.03 7.93
CA GLU A 256 20.74 -2.36 9.22
C GLU A 256 19.64 -1.32 9.31
N PRO A 257 18.59 -1.54 10.12
CA PRO A 257 17.46 -0.60 10.13
C PRO A 257 17.84 0.83 10.49
N ASP A 258 18.81 1.00 11.41
CA ASP A 258 19.22 2.33 11.84
C ASP A 258 19.93 3.12 10.75
N HIS A 259 20.36 2.47 9.67
CA HIS A 259 21.09 3.14 8.61
C HIS A 259 20.21 3.50 7.43
N ARG A 260 18.94 3.11 7.44
CA ARG A 260 18.05 3.45 6.35
C ARG A 260 17.81 4.96 6.34
N PRO A 261 17.84 5.59 5.18
CA PRO A 261 17.75 7.06 5.13
C PRO A 261 16.35 7.57 5.48
N SER A 262 16.33 8.75 6.10
CA SER A 262 15.06 9.41 6.36
C SER A 262 14.34 9.70 5.05
N PHE A 263 13.02 9.86 5.13
CA PHE A 263 12.27 10.15 3.91
C PHE A 263 12.54 11.56 3.39
N ARG A 264 12.99 12.48 4.25
CA ARG A 264 13.43 13.77 3.75
C ARG A 264 14.66 13.61 2.85
N ALA A 265 15.61 12.77 3.27
CA ALA A 265 16.78 12.51 2.45
C ALA A 265 16.40 11.76 1.17
N ILE A 266 15.46 10.83 1.28
CA ILE A 266 14.97 10.12 0.10
C ILE A 266 14.37 11.11 -0.90
N ILE A 267 13.57 12.06 -0.41
CA ILE A 267 12.95 13.05 -1.30
C ILE A 267 14.02 13.92 -1.94
N ARG A 268 15.04 14.31 -1.17
CA ARG A 268 16.14 15.08 -1.75
C ARG A 268 16.79 14.30 -2.89
N ASP A 269 17.13 13.04 -2.65
CA ASP A 269 17.72 12.19 -3.69
C ASP A 269 16.83 12.13 -4.93
N LEU A 270 15.54 11.87 -4.73
CA LEU A 270 14.60 11.81 -5.84
C LEU A 270 14.64 13.10 -6.66
N ASN A 271 14.58 14.25 -5.98
CA ASN A 271 14.62 15.52 -6.69
C ASN A 271 15.95 15.77 -7.39
N SER A 272 17.03 15.09 -6.96
CA SER A 272 18.34 15.32 -7.57
C SER A 272 18.52 14.67 -8.93
N LEU A 273 17.51 13.96 -9.45
CA LEU A 273 17.63 13.25 -10.72
C LEU A 273 16.95 14.06 -11.81
N PHE A 274 17.72 14.85 -12.54
CA PHE A 274 17.22 15.67 -13.64
C PHE A 274 18.36 16.17 -14.51
#